data_2AIK
#
_entry.id   2AIK
#
_cell.length_a   61.719
_cell.length_b   109.517
_cell.length_c   43.520
_cell.angle_alpha   90.00
_cell.angle_beta   90.00
_cell.angle_gamma   90.00
#
_symmetry.space_group_name_H-M   'P 21 21 2'
#
loop_
_entity.id
_entity.type
_entity.pdbx_description
1 polymer 'Sulfatase modifying factor 1'
2 polymer 'LCTPSRA peptide from Arylsulfatase A'
3 branched 2-acetamido-2-deoxy-beta-D-glucopyranose-(1-4)-2-acetamido-2-deoxy-beta-D-glucopyranose
4 non-polymer 'CALCIUM ION'
5 non-polymer 'CHLORIDE ION'
6 water water
#
loop_
_entity_poly.entity_id
_entity_poly.type
_entity_poly.pdbx_seq_one_letter_code
_entity_poly.pdbx_strand_id
1 'polypeptide(L)'
;LAHSKMVPIPAGVFTMGTDDPQIKQDGEAPARRVTIDAFYMDAYEVSNTEFEKFVNSTGYLTEAEKFGDSFVFEGMLSEQ
VKTNIQQAVAAAPWWLPVKGANWRHPEGPDSTILHRPDHPVLHVSWNDAVAYCTWAGKRLPTEAEWEYSCRGGLHNRLFP
WGNKLQPKGQHYANIWQGEFPVTNTGEDGFQGTAPVDAFPPNGYGLYNIVGNAWEWTSDWWTVHHSVEETLNPKGPPSGK
DRVKKGGSYMSHRSYCYRYRCAARSQNTPDSSASNLGFRCAADRLP
;
X
2 'polypeptide(L)' LCTPSRA P
#
loop_
_chem_comp.id
_chem_comp.type
_chem_comp.name
_chem_comp.formula
CA non-polymer 'CALCIUM ION' 'Ca 2'
CL non-polymer 'CHLORIDE ION' 'Cl -1'
NAG D-saccharide, beta linking 2-acetamido-2-deoxy-beta-D-glucopyranose 'C8 H15 N O6'
#
# COMPACT_ATOMS: atom_id res chain seq x y z
N LEU A 1 -21.90 -4.42 -3.81
CA LEU A 1 -20.40 -4.29 -3.64
C LEU A 1 -19.65 -5.20 -4.59
N ALA A 2 -18.65 -4.66 -5.26
CA ALA A 2 -17.80 -5.46 -6.13
C ALA A 2 -16.35 -5.13 -5.79
N HIS A 3 -15.99 -5.42 -4.53
CA HIS A 3 -14.69 -4.99 -4.03
C HIS A 3 -13.54 -5.92 -4.45
N SER A 4 -13.78 -6.88 -5.36
CA SER A 4 -12.65 -7.59 -5.97
C SER A 4 -12.51 -7.26 -7.46
N LYS A 5 -13.24 -6.22 -7.91
CA LYS A 5 -13.21 -5.85 -9.33
C LYS A 5 -11.83 -5.31 -9.70
N MET A 6 -11.45 -5.58 -10.95
CA MET A 6 -10.22 -5.10 -11.54
C MET A 6 -10.50 -4.14 -12.67
N VAL A 7 -9.51 -3.32 -12.97
CA VAL A 7 -9.58 -2.38 -14.09
C VAL A 7 -8.42 -2.64 -15.02
N PRO A 8 -8.64 -2.38 -16.33
CA PRO A 8 -7.57 -2.52 -17.30
C PRO A 8 -6.63 -1.32 -17.23
N ILE A 9 -5.35 -1.59 -17.03
CA ILE A 9 -4.32 -0.57 -17.04
C ILE A 9 -3.73 -0.67 -18.45
N PRO A 10 -3.77 0.44 -19.21
CA PRO A 10 -3.36 0.39 -20.59
C PRO A 10 -1.85 0.23 -20.77
N ALA A 11 -1.46 -0.41 -21.86
CA ALA A 11 -0.05 -0.44 -22.25
C ALA A 11 0.49 0.98 -22.40
N GLY A 12 1.75 1.17 -22.04
CA GLY A 12 2.34 2.48 -22.19
C GLY A 12 3.75 2.57 -21.70
N VAL A 13 4.31 3.77 -21.90
CA VAL A 13 5.62 4.12 -21.40
C VAL A 13 5.44 5.25 -20.40
N PHE A 14 6.19 5.19 -19.32
CA PHE A 14 6.11 6.21 -18.28
C PHE A 14 7.45 6.47 -17.63
N THR A 15 7.54 7.62 -16.96
CA THR A 15 8.68 7.97 -16.13
C THR A 15 8.46 7.51 -14.70
N MET A 16 9.24 6.49 -14.32
CA MET A 16 9.29 5.98 -12.96
C MET A 16 10.35 6.73 -12.18
N GLY A 17 10.08 6.95 -10.91
CA GLY A 17 10.97 7.77 -10.09
C GLY A 17 10.87 9.24 -10.42
N THR A 18 11.88 9.99 -10.02
CA THR A 18 11.87 11.43 -10.20
C THR A 18 13.29 11.98 -10.10
N ASP A 19 13.59 12.99 -10.92
CA ASP A 19 14.88 13.69 -10.79
C ASP A 19 14.79 14.83 -9.80
N ASP A 20 13.61 15.02 -9.19
CA ASP A 20 13.47 15.90 -8.05
C ASP A 20 13.06 15.08 -6.81
N PRO A 21 13.92 14.17 -6.34
CA PRO A 21 13.59 13.33 -5.20
C PRO A 21 13.33 14.12 -3.95
N GLN A 22 12.28 13.75 -3.23
CA GLN A 22 11.96 14.38 -1.96
C GLN A 22 12.58 13.63 -0.80
N ILE A 23 12.77 12.31 -0.92
CA ILE A 23 13.44 11.50 0.09
C ILE A 23 14.58 10.74 -0.62
N LYS A 24 15.73 11.39 -0.71
CA LYS A 24 16.82 10.86 -1.52
C LYS A 24 17.31 9.49 -1.05
N GLN A 25 17.31 9.24 0.26
CA GLN A 25 17.82 7.96 0.78
C GLN A 25 17.02 6.74 0.28
N ASP A 26 15.79 6.97 -0.16
CA ASP A 26 14.92 5.90 -0.64
C ASP A 26 15.10 5.54 -2.12
N GLY A 27 16.05 6.17 -2.80
CA GLY A 27 16.24 5.91 -4.24
C GLY A 27 15.02 6.25 -5.09
N GLU A 28 14.40 7.40 -4.82
CA GLU A 28 13.36 7.93 -5.67
C GLU A 28 13.93 8.37 -7.02
N ALA A 29 15.22 8.68 -7.03
CA ALA A 29 15.91 9.07 -8.25
C ALA A 29 16.77 7.89 -8.70
N PRO A 30 17.17 7.87 -9.97
CA PRO A 30 16.84 8.79 -11.05
C PRO A 30 15.52 8.46 -11.74
N ALA A 31 14.91 9.46 -12.35
CA ALA A 31 13.83 9.22 -13.30
C ALA A 31 14.30 8.32 -14.43
N ARG A 32 13.47 7.37 -14.80
CA ARG A 32 13.80 6.44 -15.87
C ARG A 32 12.56 6.03 -16.62
N ARG A 33 12.70 5.81 -17.92
CA ARG A 33 11.54 5.50 -18.78
C ARG A 33 11.30 4.00 -18.79
N VAL A 34 10.09 3.59 -18.45
CA VAL A 34 9.75 2.19 -18.28
C VAL A 34 8.54 1.87 -19.14
N THR A 35 8.60 0.75 -19.88
CA THR A 35 7.52 0.32 -20.73
C THR A 35 6.79 -0.80 -20.01
N ILE A 36 5.47 -0.68 -19.97
CA ILE A 36 4.61 -1.63 -19.25
C ILE A 36 3.55 -2.15 -20.22
N ASP A 37 3.42 -3.47 -20.29
CA ASP A 37 2.39 -4.07 -21.11
C ASP A 37 1.05 -3.95 -20.40
N ALA A 38 -0.02 -3.92 -21.20
CA ALA A 38 -1.38 -3.86 -20.65
C ALA A 38 -1.59 -5.01 -19.68
N PHE A 39 -2.25 -4.70 -18.57
CA PHE A 39 -2.58 -5.68 -17.54
C PHE A 39 -3.78 -5.19 -16.72
N TYR A 40 -4.15 -5.94 -15.69
CA TYR A 40 -5.28 -5.60 -14.84
C TYR A 40 -4.83 -5.34 -13.40
N MET A 41 -5.42 -4.33 -12.77
CA MET A 41 -5.11 -3.97 -11.36
C MET A 41 -6.39 -3.95 -10.56
N ASP A 42 -6.35 -4.47 -9.33
CA ASP A 42 -7.50 -4.33 -8.45
C ASP A 42 -7.85 -2.85 -8.29
N ALA A 43 -9.13 -2.50 -8.44
CA ALA A 43 -9.56 -1.13 -8.18
C ALA A 43 -9.36 -0.70 -6.71
N TYR A 44 -9.48 -1.67 -5.81
CA TYR A 44 -9.50 -1.45 -4.38
C TYR A 44 -8.40 -2.24 -3.67
N GLU A 45 -7.91 -1.70 -2.55
CA GLU A 45 -7.15 -2.50 -1.60
C GLU A 45 -8.02 -3.71 -1.25
N VAL A 46 -7.40 -4.83 -0.94
CA VAL A 46 -8.13 -6.02 -0.51
C VAL A 46 -8.75 -5.70 0.87
N SER A 47 -10.06 -5.91 0.98
CA SER A 47 -10.80 -5.56 2.20
C SER A 47 -10.85 -6.72 3.17
N ASN A 48 -11.28 -6.43 4.39
CA ASN A 48 -11.49 -7.47 5.38
C ASN A 48 -12.45 -8.56 4.86
N THR A 49 -13.54 -8.13 4.25
CA THR A 49 -14.52 -9.09 3.74
C THR A 49 -13.92 -10.01 2.67
N GLU A 50 -13.20 -9.41 1.71
CA GLU A 50 -12.56 -10.21 0.67
C GLU A 50 -11.50 -11.16 1.27
N PHE A 51 -10.72 -10.70 2.24
CA PHE A 51 -9.71 -11.57 2.85
C PHE A 51 -10.39 -12.72 3.60
N GLU A 52 -11.52 -12.41 4.25
CA GLU A 52 -12.27 -13.43 4.98
C GLU A 52 -12.76 -14.53 4.05
N LYS A 53 -13.16 -14.16 2.83
CA LYS A 53 -13.55 -15.18 1.81
C LYS A 53 -12.40 -16.16 1.53
N PHE A 54 -11.20 -15.61 1.36
CA PHE A 54 -9.95 -16.40 1.22
C PHE A 54 -9.70 -17.33 2.40
N VAL A 55 -9.77 -16.78 3.62
CA VAL A 55 -9.55 -17.59 4.82
C VAL A 55 -10.63 -18.67 4.96
N ASN A 56 -11.87 -18.31 4.67
CA ASN A 56 -12.98 -19.27 4.74
C ASN A 56 -12.73 -20.43 3.78
N SER A 57 -12.25 -20.11 2.59
CA SER A 57 -12.01 -21.10 1.56
C SER A 57 -10.82 -22.01 1.85
N THR A 58 -9.74 -21.44 2.38
CA THR A 58 -8.45 -22.16 2.48
C THR A 58 -8.06 -22.60 3.88
N GLY A 59 -8.65 -21.96 4.89
CA GLY A 59 -8.23 -22.10 6.29
C GLY A 59 -6.93 -21.38 6.63
N TYR A 60 -6.42 -20.53 5.71
CA TYR A 60 -5.12 -19.90 5.87
C TYR A 60 -4.93 -19.16 7.21
N LEU A 61 -3.88 -19.50 7.94
CA LEU A 61 -3.43 -18.76 9.11
C LEU A 61 -2.31 -17.83 8.71
N THR A 62 -2.50 -16.55 8.97
CA THR A 62 -1.53 -15.51 8.60
C THR A 62 -0.30 -15.60 9.49
N GLU A 63 0.81 -15.06 9.01
CA GLU A 63 2.04 -15.14 9.75
C GLU A 63 1.91 -14.45 11.13
N ALA A 64 1.21 -13.32 11.20
CA ALA A 64 1.04 -12.64 12.50
C ALA A 64 0.31 -13.54 13.50
N GLU A 65 -0.62 -14.36 13.03
CA GLU A 65 -1.34 -15.25 13.93
C GLU A 65 -0.41 -16.34 14.44
N LYS A 66 0.45 -16.82 13.56
CA LYS A 66 1.42 -17.84 13.93
C LYS A 66 2.51 -17.30 14.85
N PHE A 67 3.04 -16.12 14.52
CA PHE A 67 4.00 -15.44 15.40
C PHE A 67 3.39 -15.05 16.74
N GLY A 68 2.11 -14.67 16.76
CA GLY A 68 1.40 -14.32 18.00
C GLY A 68 1.43 -12.83 18.32
N ASP A 69 2.02 -12.03 17.44
CA ASP A 69 1.96 -10.58 17.59
C ASP A 69 2.11 -9.88 16.26
N SER A 70 1.88 -8.58 16.27
CA SER A 70 2.08 -7.73 15.09
C SER A 70 2.21 -6.29 15.59
N PHE A 71 2.78 -5.45 14.76
CA PHE A 71 2.98 -4.04 15.13
C PHE A 71 1.72 -3.21 15.03
N VAL A 72 1.44 -2.47 16.09
CA VAL A 72 0.32 -1.55 16.17
C VAL A 72 0.79 -0.15 16.52
N PHE A 73 0.18 0.83 15.88
CA PHE A 73 0.42 2.23 16.16
C PHE A 73 -0.23 2.66 17.48
N GLU A 74 0.58 3.28 18.34
CA GLU A 74 0.16 3.61 19.72
C GLU A 74 -1.09 4.46 19.77
N GLY A 75 -1.21 5.37 18.81
CA GLY A 75 -2.27 6.38 18.85
C GLY A 75 -3.65 5.80 18.65
N MET A 76 -3.74 4.48 18.53
CA MET A 76 -5.05 3.86 18.34
C MET A 76 -5.32 2.67 19.23
N LEU A 77 -4.44 2.49 20.20
CA LEU A 77 -4.74 1.65 21.34
C LEU A 77 -5.71 2.39 22.27
N ALA A 90 10.57 -2.24 17.84
CA ALA A 90 9.91 -1.25 16.98
C ALA A 90 10.88 -0.31 16.26
N ALA A 91 10.40 0.26 15.16
CA ALA A 91 11.15 1.24 14.41
C ALA A 91 11.02 2.64 15.05
N ALA A 92 9.93 2.85 15.82
CA ALA A 92 9.70 4.12 16.54
C ALA A 92 8.95 3.88 17.85
N PRO A 93 9.03 4.83 18.80
CA PRO A 93 8.32 4.67 20.09
C PRO A 93 6.81 4.49 19.92
N TRP A 94 6.26 4.99 18.82
CA TRP A 94 4.81 4.86 18.58
C TRP A 94 4.41 3.54 17.93
N TRP A 95 5.36 2.64 17.73
CA TRP A 95 5.08 1.30 17.18
C TRP A 95 5.38 0.26 18.24
N LEU A 96 4.35 -0.49 18.63
CA LEU A 96 4.44 -1.53 19.64
C LEU A 96 4.09 -2.89 19.03
N PRO A 97 4.92 -3.91 19.29
CA PRO A 97 4.54 -5.28 18.94
C PRO A 97 3.49 -5.76 19.94
N VAL A 98 2.26 -5.92 19.50
CA VAL A 98 1.14 -6.22 20.36
C VAL A 98 0.75 -7.69 20.26
N LYS A 99 0.77 -8.40 21.39
CA LYS A 99 0.40 -9.81 21.39
C LYS A 99 -1.06 -9.94 20.99
N GLY A 100 -1.32 -10.79 20.01
CA GLY A 100 -2.66 -11.02 19.56
C GLY A 100 -3.25 -9.99 18.61
N ALA A 101 -2.42 -9.05 18.12
CA ALA A 101 -2.88 -8.15 17.04
C ALA A 101 -2.66 -8.90 15.74
N ASN A 102 -3.69 -8.89 14.89
CA ASN A 102 -3.65 -9.56 13.59
C ASN A 102 -4.83 -9.04 12.75
N TRP A 103 -5.04 -9.60 11.56
CA TRP A 103 -6.02 -9.02 10.64
C TRP A 103 -7.44 -8.93 11.22
N ARG A 104 -7.82 -9.90 12.06
CA ARG A 104 -9.13 -9.91 12.71
C ARG A 104 -9.25 -8.98 13.94
N HIS A 105 -8.10 -8.60 14.49
CA HIS A 105 -8.02 -7.88 15.76
C HIS A 105 -6.94 -6.82 15.60
N PRO A 106 -7.23 -5.81 14.76
CA PRO A 106 -6.20 -4.88 14.29
C PRO A 106 -5.44 -4.04 15.32
N GLU A 107 -6.03 -3.86 16.52
CA GLU A 107 -5.33 -3.18 17.63
C GLU A 107 -5.02 -4.10 18.81
N GLY A 108 -5.26 -5.40 18.64
CA GLY A 108 -5.06 -6.38 19.72
C GLY A 108 -6.32 -7.14 20.00
N PRO A 109 -6.28 -8.08 20.97
CA PRO A 109 -7.34 -9.07 21.15
C PRO A 109 -8.73 -8.54 21.46
N ASP A 110 -8.81 -7.34 22.01
N ASP A 110 -8.79 -7.34 22.02
CA ASP A 110 -10.11 -6.75 22.29
CA ASP A 110 -10.08 -6.70 22.34
C ASP A 110 -10.46 -5.64 21.27
C ASP A 110 -10.76 -6.00 21.14
N SER A 111 -10.03 -5.86 20.03
CA SER A 111 -10.49 -5.08 18.92
C SER A 111 -11.11 -6.06 17.96
N THR A 112 -11.91 -5.55 17.04
CA THR A 112 -12.64 -6.37 16.10
C THR A 112 -12.71 -5.69 14.73
N ILE A 113 -12.98 -6.49 13.70
CA ILE A 113 -13.28 -5.97 12.36
C ILE A 113 -14.77 -6.00 12.03
N LEU A 114 -15.64 -6.37 12.98
CA LEU A 114 -17.06 -6.52 12.66
C LEU A 114 -17.72 -5.24 12.14
N HIS A 115 -17.28 -4.10 12.65
CA HIS A 115 -17.82 -2.79 12.22
C HIS A 115 -17.05 -2.17 11.04
N ARG A 116 -16.07 -2.89 10.50
CA ARG A 116 -15.28 -2.32 9.39
C ARG A 116 -14.98 -3.38 8.31
N PRO A 117 -16.02 -4.07 7.85
CA PRO A 117 -15.82 -5.15 6.89
C PRO A 117 -15.25 -4.67 5.56
N ASP A 118 -15.55 -3.42 5.19
CA ASP A 118 -15.14 -2.83 3.90
C ASP A 118 -13.84 -2.01 3.96
N HIS A 119 -13.19 -2.00 5.11
CA HIS A 119 -11.87 -1.40 5.26
C HIS A 119 -10.76 -2.36 4.77
N PRO A 120 -9.59 -1.83 4.38
CA PRO A 120 -8.52 -2.69 3.92
C PRO A 120 -8.08 -3.67 4.99
N VAL A 121 -7.77 -4.90 4.58
CA VAL A 121 -7.18 -5.85 5.48
C VAL A 121 -5.77 -5.39 5.89
N LEU A 122 -5.46 -5.57 7.17
CA LEU A 122 -4.18 -5.17 7.75
C LEU A 122 -3.47 -6.35 8.40
N HIS A 123 -2.25 -6.13 8.87
CA HIS A 123 -1.43 -7.16 9.51
C HIS A 123 -1.22 -8.37 8.64
N VAL A 124 -1.14 -8.12 7.34
CA VAL A 124 -0.87 -9.15 6.34
C VAL A 124 0.56 -8.96 5.87
N SER A 125 1.33 -10.04 5.89
CA SER A 125 2.70 -10.01 5.43
C SER A 125 2.74 -10.13 3.91
N TRP A 126 3.95 -10.02 3.37
CA TRP A 126 4.14 -10.20 1.93
C TRP A 126 3.75 -11.63 1.50
N ASN A 127 4.07 -12.62 2.34
CA ASN A 127 3.72 -13.99 2.06
C ASN A 127 2.21 -14.18 2.12
N ASP A 128 1.57 -13.58 3.11
CA ASP A 128 0.09 -13.60 3.23
C ASP A 128 -0.54 -13.00 1.94
N ALA A 129 0.02 -11.90 1.47
CA ALA A 129 -0.52 -11.20 0.31
C ALA A 129 -0.37 -12.06 -0.96
N VAL A 130 0.80 -12.67 -1.13
CA VAL A 130 1.04 -13.55 -2.28
C VAL A 130 0.06 -14.74 -2.23
N ALA A 131 -0.13 -15.33 -1.05
CA ALA A 131 -1.12 -16.41 -0.85
C ALA A 131 -2.53 -15.99 -1.30
N TYR A 132 -3.00 -14.85 -0.80
CA TYR A 132 -4.30 -14.31 -1.19
C TYR A 132 -4.38 -14.11 -2.71
N CYS A 133 -3.44 -13.34 -3.27
CA CYS A 133 -3.53 -12.98 -4.67
C CYS A 133 -3.52 -14.24 -5.56
N THR A 134 -2.66 -15.19 -5.22
CA THR A 134 -2.59 -16.43 -5.99
C THR A 134 -3.87 -17.24 -5.88
N TRP A 135 -4.42 -17.31 -4.66
CA TRP A 135 -5.71 -17.97 -4.45
C TRP A 135 -6.73 -17.37 -5.37
N ALA A 136 -6.65 -16.04 -5.56
CA ALA A 136 -7.67 -15.31 -6.31
C ALA A 136 -7.47 -15.34 -7.84
N GLY A 137 -6.45 -16.06 -8.27
CA GLY A 137 -6.08 -16.13 -9.67
C GLY A 137 -5.33 -14.91 -10.16
N LYS A 138 -4.65 -14.26 -9.22
CA LYS A 138 -3.97 -13.00 -9.47
C LYS A 138 -2.54 -13.08 -8.93
N ARG A 139 -1.90 -11.94 -8.73
CA ARG A 139 -0.52 -11.87 -8.24
C ARG A 139 -0.33 -10.48 -7.64
N LEU A 140 0.80 -10.26 -6.98
CA LEU A 140 1.14 -8.88 -6.60
C LEU A 140 1.60 -8.14 -7.84
N PRO A 141 1.40 -6.82 -7.86
CA PRO A 141 1.98 -6.03 -8.95
C PRO A 141 3.47 -5.84 -8.69
N THR A 142 4.24 -5.63 -9.75
CA THR A 142 5.59 -5.13 -9.58
C THR A 142 5.55 -3.70 -9.13
N GLU A 143 6.68 -3.19 -8.66
CA GLU A 143 6.74 -1.79 -8.26
C GLU A 143 6.47 -0.90 -9.45
N ALA A 144 7.04 -1.24 -10.60
CA ALA A 144 6.84 -0.42 -11.79
C ALA A 144 5.37 -0.42 -12.21
N GLU A 145 4.74 -1.60 -12.23
CA GLU A 145 3.28 -1.66 -12.50
C GLU A 145 2.51 -0.81 -11.50
N TRP A 146 2.86 -0.98 -10.22
CA TRP A 146 2.15 -0.27 -9.15
C TRP A 146 2.27 1.24 -9.38
N GLU A 147 3.51 1.72 -9.58
CA GLU A 147 3.71 3.17 -9.77
C GLU A 147 3.02 3.72 -11.03
N TYR A 148 3.14 3.02 -12.14
CA TYR A 148 2.48 3.39 -13.36
C TYR A 148 0.98 3.56 -13.14
N SER A 149 0.41 2.62 -12.40
CA SER A 149 -1.00 2.61 -12.12
C SER A 149 -1.36 3.76 -11.19
N CYS A 150 -0.55 3.96 -10.16
CA CYS A 150 -0.72 5.06 -9.22
C CYS A 150 -0.81 6.39 -9.98
N ARG A 151 0.07 6.60 -10.95
CA ARG A 151 0.16 7.88 -11.63
C ARG A 151 -1.07 8.17 -12.49
N GLY A 152 -1.85 7.14 -12.82
CA GLY A 152 -3.16 7.32 -13.39
C GLY A 152 -3.18 8.14 -14.66
N GLY A 153 -2.15 7.93 -15.48
CA GLY A 153 -2.08 8.56 -16.80
C GLY A 153 -1.54 9.98 -16.83
N LEU A 154 -1.06 10.49 -15.69
CA LEU A 154 -0.41 11.79 -15.64
C LEU A 154 1.11 11.63 -15.60
N HIS A 155 1.84 12.60 -16.14
CA HIS A 155 3.30 12.54 -16.22
C HIS A 155 3.96 13.41 -15.14
N ASN A 156 4.84 12.81 -14.37
CA ASN A 156 5.71 13.55 -13.47
C ASN A 156 5.01 14.42 -12.44
N ARG A 157 3.89 13.91 -11.90
CA ARG A 157 3.16 14.61 -10.85
C ARG A 157 3.42 13.95 -9.52
N LEU A 158 3.20 14.71 -8.45
CA LEU A 158 3.43 14.21 -7.12
C LEU A 158 2.44 13.10 -6.74
N PHE A 159 1.16 13.32 -7.08
CA PHE A 159 0.03 12.53 -6.59
C PHE A 159 -0.72 11.95 -7.77
N PRO A 160 -1.54 10.92 -7.51
CA PRO A 160 -2.32 10.34 -8.63
C PRO A 160 -3.12 11.36 -9.41
N TRP A 161 -3.50 12.45 -8.77
CA TRP A 161 -4.42 13.44 -9.34
C TRP A 161 -3.73 14.74 -9.79
N GLY A 162 -2.45 14.88 -9.50
CA GLY A 162 -1.75 16.12 -9.78
C GLY A 162 -0.76 16.52 -8.72
N ASN A 163 -0.43 17.83 -8.69
CA ASN A 163 0.57 18.34 -7.76
C ASN A 163 0.04 19.01 -6.49
N LYS A 164 -1.26 19.30 -6.42
CA LYS A 164 -1.85 19.95 -5.24
C LYS A 164 -2.39 18.87 -4.31
N LEU A 165 -2.12 18.97 -3.01
CA LEU A 165 -2.61 17.97 -2.07
C LEU A 165 -4.14 17.96 -1.95
N GLN A 166 -4.75 19.14 -1.88
CA GLN A 166 -6.23 19.29 -1.80
C GLN A 166 -6.76 20.08 -2.97
N PRO A 167 -6.85 19.45 -4.14
CA PRO A 167 -7.30 20.16 -5.33
C PRO A 167 -8.75 20.59 -5.15
N LYS A 168 -9.04 21.83 -5.54
CA LYS A 168 -10.40 22.38 -5.39
C LYS A 168 -10.86 22.36 -3.91
N GLY A 169 -9.92 22.33 -2.99
CA GLY A 169 -10.23 22.29 -1.57
C GLY A 169 -10.82 20.98 -1.07
N GLN A 170 -10.62 19.91 -1.83
CA GLN A 170 -11.18 18.61 -1.51
C GLN A 170 -10.08 17.64 -1.09
N HIS A 171 -10.38 16.79 -0.12
CA HIS A 171 -9.46 15.74 0.26
C HIS A 171 -9.56 14.63 -0.77
N TYR A 172 -8.40 14.16 -1.25
CA TYR A 172 -8.33 13.11 -2.28
C TYR A 172 -7.75 11.77 -1.80
N ALA A 173 -7.32 11.70 -0.54
CA ALA A 173 -6.72 10.51 0.05
C ALA A 173 -6.80 10.59 1.57
N ASN A 174 -6.73 9.42 2.19
CA ASN A 174 -6.76 9.28 3.63
C ASN A 174 -5.32 9.24 4.18
N ILE A 175 -4.87 10.39 4.67
CA ILE A 175 -3.55 10.52 5.32
C ILE A 175 -3.78 11.19 6.69
N TRP A 176 -2.71 11.72 7.29
CA TRP A 176 -2.79 12.36 8.58
C TRP A 176 -3.02 13.86 8.40
N GLN A 177 -3.89 14.44 9.23
CA GLN A 177 -3.89 15.89 9.41
C GLN A 177 -3.64 16.17 10.87
N GLY A 178 -2.82 17.19 11.13
CA GLY A 178 -2.51 17.60 12.50
C GLY A 178 -1.04 17.42 12.78
N GLU A 179 -0.68 17.17 14.05
CA GLU A 179 0.69 17.06 14.46
C GLU A 179 1.02 15.60 14.74
N PHE A 180 1.83 15.00 13.89
CA PHE A 180 2.11 13.57 14.04
C PHE A 180 3.21 13.37 15.10
N PRO A 181 3.04 12.39 16.00
CA PRO A 181 1.94 11.44 16.17
C PRO A 181 0.92 11.76 17.26
N VAL A 182 1.00 12.96 17.84
CA VAL A 182 0.21 13.29 19.01
C VAL A 182 -1.26 13.52 18.65
N THR A 183 -1.51 14.18 17.53
CA THR A 183 -2.86 14.59 17.21
C THR A 183 -3.19 14.43 15.72
N ASN A 184 -4.14 13.55 15.45
CA ASN A 184 -4.75 13.40 14.13
C ASN A 184 -6.14 14.01 14.20
N THR A 185 -6.34 15.09 13.45
CA THR A 185 -7.59 15.82 13.56
C THR A 185 -8.77 15.11 12.87
N GLY A 186 -8.49 14.18 11.96
CA GLY A 186 -9.55 13.48 11.21
C GLY A 186 -10.28 14.41 10.26
N GLU A 187 -9.58 15.46 9.83
CA GLU A 187 -10.15 16.43 8.89
C GLU A 187 -10.65 15.78 7.60
N ASP A 188 -9.92 14.77 7.12
CA ASP A 188 -10.29 14.11 5.86
C ASP A 188 -11.44 13.09 6.03
N GLY A 189 -11.91 12.94 7.27
CA GLY A 189 -13.07 12.12 7.57
C GLY A 189 -12.74 10.77 8.19
N PHE A 190 -11.44 10.43 8.31
CA PHE A 190 -10.99 9.14 8.85
C PHE A 190 -9.73 9.31 9.67
N GLN A 191 -9.77 8.92 10.94
CA GLN A 191 -8.57 8.87 11.76
C GLN A 191 -7.75 7.62 11.45
N GLY A 192 -8.39 6.46 11.45
CA GLY A 192 -7.73 5.23 11.04
C GLY A 192 -7.99 5.01 9.57
N THR A 193 -8.20 3.74 9.19
CA THR A 193 -8.49 3.44 7.79
C THR A 193 -9.89 3.91 7.40
N ALA A 194 -10.07 4.00 6.08
CA ALA A 194 -11.35 4.25 5.45
C ALA A 194 -11.79 3.03 4.65
N PRO A 195 -13.08 2.96 4.30
CA PRO A 195 -13.50 1.93 3.36
C PRO A 195 -12.67 1.94 2.09
N VAL A 196 -12.50 0.76 1.50
CA VAL A 196 -11.62 0.64 0.33
C VAL A 196 -12.12 1.42 -0.87
N ASP A 197 -13.41 1.76 -0.89
CA ASP A 197 -13.98 2.55 -1.96
C ASP A 197 -14.17 4.05 -1.66
N ALA A 198 -13.47 4.53 -0.62
CA ALA A 198 -13.54 5.91 -0.21
C ALA A 198 -12.66 6.76 -1.12
N PHE A 199 -12.99 8.05 -1.18
CA PHE A 199 -12.22 9.06 -1.91
C PHE A 199 -12.33 8.89 -3.43
N PRO A 200 -11.95 9.92 -4.19
CA PRO A 200 -12.11 9.76 -5.64
C PRO A 200 -11.19 8.74 -6.23
N PRO A 201 -11.60 8.12 -7.34
CA PRO A 201 -10.66 7.28 -8.08
C PRO A 201 -9.65 8.13 -8.85
N ASN A 202 -8.51 7.54 -9.18
CA ASN A 202 -7.60 8.21 -10.08
C ASN A 202 -8.02 7.98 -11.53
N GLY A 203 -7.20 8.47 -12.44
CA GLY A 203 -7.54 8.44 -13.88
C GLY A 203 -7.75 7.04 -14.47
N TYR A 204 -7.19 6.03 -13.81
CA TYR A 204 -7.36 4.61 -14.20
C TYR A 204 -8.45 3.89 -13.40
N GLY A 205 -9.15 4.56 -12.49
CA GLY A 205 -10.20 3.86 -11.74
C GLY A 205 -9.78 3.24 -10.42
N LEU A 206 -8.62 3.63 -9.94
CA LEU A 206 -8.05 3.08 -8.72
C LEU A 206 -8.37 3.97 -7.51
N TYR A 207 -8.75 3.32 -6.43
CA TYR A 207 -9.13 3.96 -5.18
C TYR A 207 -8.01 3.77 -4.15
N ASN A 208 -7.69 4.83 -3.42
CA ASN A 208 -6.77 4.76 -2.26
C ASN A 208 -5.41 4.18 -2.59
N ILE A 209 -4.95 4.44 -3.81
CA ILE A 209 -3.65 3.97 -4.24
C ILE A 209 -2.54 4.71 -3.48
N VAL A 210 -2.73 6.00 -3.19
CA VAL A 210 -1.96 6.62 -2.09
C VAL A 210 -2.85 6.79 -0.84
N GLY A 211 -2.21 6.67 0.32
CA GLY A 211 -2.89 6.70 1.61
C GLY A 211 -3.72 5.45 1.93
N ASN A 212 -4.40 5.53 3.07
CA ASN A 212 -5.21 4.44 3.62
C ASN A 212 -4.29 3.35 4.15
N ALA A 213 -4.09 2.25 3.43
CA ALA A 213 -3.06 1.28 3.81
C ALA A 213 -1.88 1.37 2.82
N TRP A 214 -0.66 1.20 3.32
CA TRP A 214 0.52 0.91 2.49
C TRP A 214 0.20 -0.34 1.67
N GLU A 215 0.89 -0.51 0.55
CA GLU A 215 0.64 -1.66 -0.33
C GLU A 215 1.91 -2.41 -0.74
N TRP A 216 1.93 -3.73 -0.49
CA TRP A 216 3.05 -4.58 -0.89
C TRP A 216 3.14 -4.66 -2.41
N THR A 217 4.37 -4.74 -2.92
CA THR A 217 4.63 -5.10 -4.31
C THR A 217 5.54 -6.32 -4.36
N SER A 218 5.70 -6.89 -5.56
CA SER A 218 6.46 -8.12 -5.68
C SER A 218 7.99 -7.94 -5.59
N ASP A 219 8.48 -6.71 -5.79
CA ASP A 219 9.94 -6.47 -6.00
C ASP A 219 10.74 -6.62 -4.73
N TRP A 220 11.91 -7.21 -4.84
CA TRP A 220 12.94 -7.02 -3.82
C TRP A 220 13.36 -5.54 -3.83
N TRP A 221 13.73 -5.02 -2.66
CA TRP A 221 14.13 -3.60 -2.49
C TRP A 221 15.60 -3.35 -2.84
N THR A 222 15.83 -2.36 -3.68
CA THR A 222 17.17 -1.75 -3.83
C THR A 222 16.96 -0.25 -3.96
N VAL A 223 18.00 0.52 -3.63
CA VAL A 223 17.94 1.96 -3.84
C VAL A 223 18.80 2.36 -5.02
N HIS A 224 19.42 1.38 -5.67
CA HIS A 224 20.31 1.64 -6.80
C HIS A 224 19.64 1.30 -8.12
N HIS A 225 19.20 2.33 -8.83
CA HIS A 225 18.56 2.18 -10.14
C HIS A 225 19.39 2.79 -11.28
N SER A 226 19.46 2.05 -12.38
CA SER A 226 20.03 2.58 -13.62
C SER A 226 19.05 3.56 -14.28
N VAL A 227 19.58 4.45 -15.11
CA VAL A 227 18.78 5.33 -15.93
C VAL A 227 18.32 4.63 -17.21
N GLU A 228 18.73 3.38 -17.38
CA GLU A 228 18.42 2.64 -18.60
C GLU A 228 16.93 2.43 -18.73
N GLU A 229 16.45 2.45 -19.97
CA GLU A 229 15.06 2.13 -20.29
C GLU A 229 14.83 0.64 -20.08
N THR A 230 13.65 0.27 -19.56
CA THR A 230 13.35 -1.13 -19.27
C THR A 230 11.93 -1.49 -19.67
N LEU A 231 11.71 -2.80 -19.81
CA LEU A 231 10.44 -3.37 -20.20
C LEU A 231 9.98 -4.33 -19.13
N ASN A 232 8.83 -4.03 -18.53
CA ASN A 232 8.21 -4.88 -17.54
C ASN A 232 9.23 -5.31 -16.46
N PRO A 233 9.97 -4.33 -15.89
CA PRO A 233 11.04 -4.69 -14.96
C PRO A 233 10.50 -5.35 -13.69
N LYS A 234 11.28 -6.26 -13.13
CA LYS A 234 10.84 -7.02 -11.95
C LYS A 234 11.55 -6.65 -10.66
N GLY A 235 12.52 -5.73 -10.74
CA GLY A 235 13.33 -5.38 -9.58
C GLY A 235 14.53 -6.30 -9.57
N PRO A 236 15.37 -6.15 -8.55
CA PRO A 236 16.58 -6.97 -8.48
C PRO A 236 16.24 -8.43 -8.20
N PRO A 237 17.12 -9.35 -8.63
CA PRO A 237 16.86 -10.78 -8.48
C PRO A 237 17.02 -11.29 -7.05
N SER A 238 17.67 -10.52 -6.18
CA SER A 238 17.81 -10.90 -4.78
C SER A 238 17.64 -9.70 -3.86
N GLY A 239 17.45 -9.97 -2.59
CA GLY A 239 17.41 -8.91 -1.59
C GLY A 239 16.98 -9.48 -0.26
N LYS A 240 16.73 -8.60 0.70
CA LYS A 240 16.25 -9.02 2.01
C LYS A 240 14.91 -8.39 2.38
N ASP A 241 14.55 -7.30 1.71
CA ASP A 241 13.28 -6.61 2.00
C ASP A 241 12.50 -6.48 0.69
N ARG A 242 11.16 -6.55 0.79
CA ARG A 242 10.31 -6.32 -0.38
C ARG A 242 9.79 -4.87 -0.36
N VAL A 243 9.48 -4.35 -1.52
CA VAL A 243 9.09 -2.98 -1.70
C VAL A 243 7.60 -2.82 -1.36
N LYS A 244 7.29 -1.79 -0.58
CA LYS A 244 5.90 -1.32 -0.38
C LYS A 244 5.75 0.13 -0.88
N LYS A 245 4.52 0.49 -1.24
CA LYS A 245 4.27 1.77 -1.88
C LYS A 245 3.03 2.45 -1.35
N GLY A 246 3.01 3.77 -1.49
CA GLY A 246 1.79 4.54 -1.45
C GLY A 246 1.43 5.29 -0.19
N GLY A 247 2.11 4.97 0.92
CA GLY A 247 1.81 5.59 2.20
C GLY A 247 0.46 5.13 2.72
N SER A 248 0.06 5.73 3.84
CA SER A 248 -1.05 5.26 4.65
C SER A 248 -1.77 6.40 5.35
N TYR A 249 -2.82 6.02 6.06
CA TYR A 249 -3.54 6.96 6.91
C TYR A 249 -2.67 7.70 7.96
N MET A 250 -1.47 7.20 8.18
CA MET A 250 -0.53 7.82 9.13
C MET A 250 0.39 8.83 8.48
N SER A 251 0.45 8.83 7.14
CA SER A 251 1.47 9.59 6.46
C SER A 251 1.23 11.09 6.58
N HIS A 252 2.33 11.86 6.65
CA HIS A 252 2.25 13.31 6.77
C HIS A 252 3.47 13.96 6.15
N ARG A 253 3.27 15.18 5.65
CA ARG A 253 4.36 15.95 5.04
C ARG A 253 5.55 16.06 5.98
N SER A 254 5.30 16.15 7.27
CA SER A 254 6.33 16.39 8.29
C SER A 254 7.15 15.17 8.70
N TYR A 255 6.69 13.94 8.42
CA TYR A 255 7.45 12.79 8.93
C TYR A 255 7.67 11.59 7.99
N CYS A 256 6.60 11.21 7.33
CA CYS A 256 6.62 10.12 6.34
C CYS A 256 5.86 10.65 5.13
N TYR A 257 6.57 11.42 4.29
CA TYR A 257 6.00 12.10 3.11
C TYR A 257 6.00 11.12 1.93
N ARG A 258 5.22 10.05 2.06
CA ARG A 258 5.30 8.96 1.10
C ARG A 258 3.96 8.62 0.44
N TYR A 259 2.99 9.55 0.53
CA TYR A 259 1.72 9.47 -0.19
C TYR A 259 1.89 10.05 -1.60
N ARG A 260 3.06 9.80 -2.20
CA ARG A 260 3.38 10.18 -3.58
C ARG A 260 3.66 8.92 -4.40
N CYS A 261 3.33 8.94 -5.69
CA CYS A 261 3.55 7.73 -6.50
C CYS A 261 5.01 7.34 -6.57
N ALA A 262 5.90 8.32 -6.56
CA ALA A 262 7.32 8.02 -6.68
C ALA A 262 7.93 7.52 -5.37
N ALA A 263 7.25 7.75 -4.26
CA ALA A 263 7.78 7.35 -2.96
C ALA A 263 7.85 5.83 -2.89
N ARG A 264 8.66 5.36 -1.94
CA ARG A 264 8.88 3.94 -1.77
C ARG A 264 9.50 3.63 -0.40
N SER A 265 9.15 2.47 0.14
CA SER A 265 9.76 2.01 1.37
C SER A 265 9.80 0.48 1.30
N GLN A 266 10.15 -0.15 2.41
CA GLN A 266 10.40 -1.58 2.41
C GLN A 266 10.19 -2.17 3.77
N ASN A 267 10.01 -3.49 3.78
CA ASN A 267 10.01 -4.29 4.98
C ASN A 267 10.43 -5.73 4.62
N THR A 268 10.90 -6.48 5.61
CA THR A 268 11.12 -7.90 5.44
C THR A 268 9.76 -8.59 5.16
N PRO A 269 9.78 -9.64 4.31
CA PRO A 269 8.52 -10.24 3.86
C PRO A 269 7.62 -10.85 4.93
N ASP A 270 8.18 -11.20 6.07
CA ASP A 270 7.38 -11.71 7.15
C ASP A 270 6.85 -10.60 8.07
N SER A 271 7.03 -9.33 7.68
CA SER A 271 6.55 -8.20 8.46
C SER A 271 5.04 -8.02 8.31
N SER A 272 4.44 -7.41 9.33
CA SER A 272 3.02 -7.06 9.33
C SER A 272 2.81 -5.87 10.28
N ALA A 273 1.83 -5.05 9.97
CA ALA A 273 1.55 -3.86 10.76
C ALA A 273 0.15 -3.33 10.50
N SER A 274 -0.26 -2.46 11.42
CA SER A 274 -1.59 -1.87 11.38
C SER A 274 -1.82 -0.81 10.30
N ASN A 275 -0.82 -0.55 9.48
CA ASN A 275 -0.95 0.41 8.39
C ASN A 275 -0.57 -0.15 7.03
N LEU A 276 -0.51 -1.48 6.95
CA LEU A 276 0.04 -2.17 5.77
C LEU A 276 -0.88 -3.26 5.25
N GLY A 277 -1.28 -3.12 3.98
CA GLY A 277 -2.13 -4.04 3.27
C GLY A 277 -1.59 -4.26 1.86
N PHE A 278 -2.52 -4.43 0.91
CA PHE A 278 -2.15 -4.74 -0.47
C PHE A 278 -3.34 -4.77 -1.40
N ARG A 279 -3.03 -4.78 -2.70
CA ARG A 279 -3.98 -5.07 -3.76
C ARG A 279 -3.30 -6.00 -4.77
N CYS A 280 -4.10 -6.69 -5.57
CA CYS A 280 -3.53 -7.63 -6.52
C CYS A 280 -3.57 -7.04 -7.93
N ALA A 281 -2.88 -7.73 -8.82
CA ALA A 281 -2.86 -7.47 -10.24
C ALA A 281 -2.95 -8.82 -10.97
N ALA A 282 -3.13 -8.75 -12.28
CA ALA A 282 -3.22 -9.98 -13.11
C ALA A 282 -2.92 -9.65 -14.56
N ASP A 283 -2.35 -10.62 -15.28
CA ASP A 283 -2.01 -10.42 -16.68
C ASP A 283 -3.28 -10.37 -17.52
N ARG A 284 -4.23 -11.24 -17.18
CA ARG A 284 -5.54 -11.34 -17.82
C ARG A 284 -6.61 -11.43 -16.73
N LEU A 285 -7.88 -11.24 -17.11
CA LEU A 285 -8.96 -11.37 -16.14
C LEU A 285 -9.05 -12.79 -15.59
N PRO A 286 -9.15 -12.94 -14.26
CA PRO A 286 -9.33 -14.28 -13.72
C PRO A 286 -10.78 -14.74 -13.85
N LEU B 1 10.74 6.54 9.60
CA LEU B 1 10.41 5.13 9.29
C LEU B 1 8.91 4.87 9.50
N CYS B 2 8.28 4.30 8.48
CA CYS B 2 6.80 4.29 8.33
C CYS B 2 6.11 3.00 8.79
N THR B 3 6.80 1.87 8.69
CA THR B 3 6.32 0.58 9.22
C THR B 3 7.56 -0.19 9.71
N PRO B 4 7.56 -0.62 10.98
CA PRO B 4 8.71 -1.41 11.45
C PRO B 4 8.69 -2.80 10.85
N SER B 5 9.86 -3.36 10.58
CA SER B 5 9.91 -4.77 10.17
C SER B 5 9.84 -5.66 11.41
N ARG B 6 9.33 -6.87 11.20
CA ARG B 6 9.23 -7.86 12.25
C ARG B 6 10.62 -8.18 12.77
N ALA B 7 10.82 -8.24 13.99
C1 NAG C . -16.93 -16.87 6.40
C2 NAG C . -18.05 -15.93 5.88
C3 NAG C . -19.10 -15.66 6.95
C4 NAG C . -19.56 -16.94 7.65
C5 NAG C . -18.34 -17.73 8.11
C6 NAG C . -18.72 -19.05 8.77
C7 NAG C . -17.42 -14.26 4.18
C8 NAG C . -16.77 -12.92 3.94
N2 NAG C . -17.53 -14.64 5.45
O3 NAG C . -20.18 -14.96 6.35
O4 NAG C . -20.40 -16.62 8.75
O5 NAG C . -17.52 -18.03 6.99
O6 NAG C . -19.50 -19.73 7.81
O7 NAG C . -17.82 -14.93 3.22
C1 NAG C . -21.60 -17.42 8.82
C2 NAG C . -22.41 -16.94 10.01
C3 NAG C . -23.84 -17.49 10.05
C4 NAG C . -24.47 -17.36 8.67
C5 NAG C . -23.56 -18.09 7.69
C6 NAG C . -24.18 -18.23 6.30
C7 NAG C . -20.83 -16.53 11.83
C8 NAG C . -19.71 -17.25 12.52
N2 NAG C . -21.74 -17.31 11.24
O3 NAG C . -24.61 -16.79 11.01
O4 NAG C . -25.78 -17.91 8.70
O5 NAG C . -22.34 -17.37 7.61
O6 NAG C . -24.57 -16.96 5.84
O7 NAG C . -20.87 -15.29 11.81
CA CA D . -3.37 2.45 -0.17
CA CA E . -7.08 10.63 7.71
CL CL F . 2.86 5.75 7.10
#